data_3P8D
#
_entry.id   3P8D
#
_cell.length_a   48.548
_cell.length_b   48.548
_cell.length_c   96.149
_cell.angle_alpha   90.00
_cell.angle_beta   90.00
_cell.angle_gamma   90.00
#
_symmetry.space_group_name_H-M   'P 43'
#
loop_
_entity.id
_entity.type
_entity.pdbx_description
1 polymer 'Medulloblastoma antigen MU-MB-50.72'
2 water water
#
_entity_poly.entity_id   1
_entity_poly.type   'polypeptide(L)'
_entity_poly.pdbx_seq_one_letter_code
;GHMSSEFQINEQVLACWSDCRFYPAKVTAVNKDGTYTVKFYDGVVQTVKHIHVKAFSKDQNIVGNAR
;
_entity_poly.pdbx_strand_id   A,B
#
# COMPACT_ATOMS: atom_id res chain seq x y z
N SER A 5 16.50 -13.04 2.20
N SER A 5 20.36 -11.07 2.00
CA SER A 5 15.73 -12.35 1.18
CA SER A 5 20.59 -11.16 0.57
C SER A 5 16.62 -11.82 0.06
C SER A 5 19.47 -10.45 -0.20
N GLU A 6 16.74 -10.50 -0.02
N GLU A 6 19.85 -9.49 -1.04
CA GLU A 6 17.56 -9.83 -1.04
CA GLU A 6 18.88 -8.67 -1.76
C GLU A 6 17.20 -10.23 -2.46
C GLU A 6 18.37 -9.37 -3.02
N PHE A 7 17.06 -9.23 -3.33
N PHE A 7 17.12 -9.09 -3.39
CA PHE A 7 16.63 -9.48 -4.71
C PHE A 7 17.38 -8.64 -5.72
N GLN A 8 17.42 -9.11 -6.97
CA GLN A 8 18.17 -8.45 -8.01
C GLN A 8 17.28 -7.83 -9.09
N ILE A 9 17.83 -6.90 -9.86
CA ILE A 9 17.13 -6.30 -10.98
C ILE A 9 16.61 -7.39 -11.92
N ASN A 10 15.42 -7.18 -12.47
CA ASN A 10 14.77 -8.14 -13.37
C ASN A 10 14.18 -9.34 -12.65
N GLU A 11 14.56 -9.51 -11.38
CA GLU A 11 14.02 -10.60 -10.57
C GLU A 11 12.59 -10.27 -10.16
N GLN A 12 11.75 -11.30 -10.08
CA GLN A 12 10.36 -11.09 -9.70
C GLN A 12 10.12 -11.36 -8.23
N VAL A 13 9.26 -10.55 -7.63
CA VAL A 13 8.92 -10.71 -6.22
C VAL A 13 7.43 -10.52 -6.02
N LEU A 14 6.96 -10.75 -4.80
CA LEU A 14 5.61 -10.42 -4.44
C LEU A 14 5.62 -9.07 -3.73
N ALA A 15 4.87 -8.12 -4.26
CA ALA A 15 4.81 -6.79 -3.67
C ALA A 15 3.38 -6.46 -3.26
N CYS A 16 3.24 -5.62 -2.24
CA CYS A 16 1.92 -5.25 -1.75
C CYS A 16 1.30 -4.13 -2.58
N TRP A 17 0.02 -4.29 -2.92
CA TRP A 17 -0.68 -3.24 -3.64
C TRP A 17 -1.79 -2.65 -2.77
N SER A 18 -2.48 -1.65 -3.31
CA SER A 18 -3.44 -0.85 -2.54
C SER A 18 -4.60 -1.65 -1.95
N ASP A 19 -4.89 -2.80 -2.54
CA ASP A 19 -5.99 -3.63 -2.04
C ASP A 19 -5.51 -4.56 -0.93
N CYS A 20 -4.32 -4.27 -0.41
CA CYS A 20 -3.70 -5.07 0.64
C CYS A 20 -3.56 -6.53 0.23
N ARG A 21 -3.22 -6.75 -1.04
CA ARG A 21 -2.88 -8.09 -1.53
C ARG A 21 -1.53 -8.04 -2.22
N PHE A 22 -0.86 -9.19 -2.27
CA PHE A 22 0.43 -9.28 -2.94
C PHE A 22 0.26 -9.70 -4.40
N TYR A 23 1.04 -9.08 -5.27
CA TYR A 23 1.05 -9.45 -6.68
C TYR A 23 2.49 -9.52 -7.16
N PRO A 24 2.74 -10.33 -8.19
CA PRO A 24 4.08 -10.42 -8.79
C PRO A 24 4.50 -9.08 -9.36
N ALA A 25 5.73 -8.66 -9.05
CA ALA A 25 6.28 -7.42 -9.58
C ALA A 25 7.74 -7.62 -9.93
N LYS A 26 8.19 -6.94 -10.99
CA LYS A 26 9.58 -7.06 -11.41
C LYS A 26 10.43 -5.96 -10.78
N VAL A 27 11.56 -6.34 -10.19
CA VAL A 27 12.49 -5.38 -9.63
C VAL A 27 13.18 -4.62 -10.76
N THR A 28 12.89 -3.33 -10.89
CA THR A 28 13.52 -2.53 -11.94
C THR A 28 14.70 -1.73 -11.39
N ALA A 29 14.75 -1.55 -10.07
CA ALA A 29 15.88 -0.86 -9.45
C ALA A 29 16.09 -1.28 -7.99
N VAL A 30 17.36 -1.51 -7.65
CA VAL A 30 17.77 -1.75 -6.28
C VAL A 30 18.45 -0.49 -5.77
N ASN A 31 17.87 0.12 -4.74
CA ASN A 31 18.34 1.42 -4.27
C ASN A 31 19.21 1.32 -3.03
N LYS A 32 20.14 2.26 -2.87
CA LYS A 32 21.09 2.22 -1.75
C LYS A 32 20.41 2.44 -0.40
N ASP A 33 19.22 3.06 -0.42
CA ASP A 33 18.51 3.34 0.83
C ASP A 33 17.69 2.13 1.30
N GLY A 34 17.91 0.98 0.69
CA GLY A 34 17.26 -0.25 1.12
C GLY A 34 15.86 -0.45 0.57
N THR A 35 15.53 0.28 -0.48
CA THR A 35 14.24 0.12 -1.16
C THR A 35 14.39 -0.50 -2.53
N TYR A 36 13.28 -0.99 -3.06
CA TYR A 36 13.22 -1.48 -4.43
C TYR A 36 12.25 -0.64 -5.23
N THR A 37 12.56 -0.46 -6.51
CA THR A 37 11.57 0.01 -7.45
C THR A 37 11.03 -1.22 -8.19
N VAL A 38 9.73 -1.47 -8.06
CA VAL A 38 9.11 -2.63 -8.70
C VAL A 38 7.99 -2.21 -9.65
N LYS A 39 7.74 -3.05 -10.65
CA LYS A 39 6.70 -2.81 -11.64
C LYS A 39 5.76 -4.02 -11.75
N PHE A 40 4.49 -3.80 -11.47
CA PHE A 40 3.49 -4.85 -11.60
C PHE A 40 3.26 -5.18 -13.08
N TYR A 41 2.51 -6.27 -13.33
CA TYR A 41 2.23 -6.71 -14.69
C TYR A 41 1.62 -5.62 -15.56
N ASP A 42 0.79 -4.78 -14.95
CA ASP A 42 0.04 -3.77 -15.68
C ASP A 42 0.85 -2.49 -15.90
N GLY A 43 2.12 -2.52 -15.52
CA GLY A 43 3.01 -1.39 -15.72
C GLY A 43 3.06 -0.42 -14.55
N VAL A 44 2.24 -0.65 -13.53
CA VAL A 44 2.22 0.24 -12.37
C VAL A 44 3.53 0.13 -11.59
N VAL A 45 4.14 1.26 -11.32
CA VAL A 45 5.42 1.31 -10.62
C VAL A 45 5.25 1.83 -9.20
N GLN A 46 5.96 1.23 -8.26
CA GLN A 46 6.03 1.77 -6.90
C GLN A 46 7.37 1.48 -6.24
N THR A 47 7.74 2.33 -5.29
CA THR A 47 8.96 2.14 -4.54
C THR A 47 8.60 1.56 -3.18
N VAL A 48 9.24 0.46 -2.81
CA VAL A 48 8.93 -0.19 -1.54
C VAL A 48 10.19 -0.59 -0.78
N LYS A 49 10.07 -0.66 0.54
CA LYS A 49 11.16 -1.13 1.38
C LYS A 49 11.42 -2.60 1.12
N HIS A 50 12.66 -3.03 1.31
CA HIS A 50 13.03 -4.43 1.12
C HIS A 50 12.16 -5.37 1.96
N ILE A 51 11.90 -4.97 3.21
CA ILE A 51 11.15 -5.81 4.13
C ILE A 51 9.68 -5.95 3.78
N HIS A 52 9.22 -5.15 2.81
CA HIS A 52 7.81 -5.17 2.42
C HIS A 52 7.56 -5.98 1.15
N VAL A 53 8.59 -6.66 0.67
CA VAL A 53 8.42 -7.60 -0.43
C VAL A 53 8.91 -8.97 0.02
N LYS A 54 8.49 -10.00 -0.71
CA LYS A 54 8.91 -11.35 -0.38
C LYS A 54 9.13 -12.19 -1.64
N ALA A 55 9.82 -13.31 -1.47
CA ALA A 55 10.10 -14.23 -2.56
C ALA A 55 8.83 -14.57 -3.33
N PHE A 56 8.92 -14.58 -4.66
CA PHE A 56 7.78 -14.87 -5.50
C PHE A 56 7.42 -16.36 -5.47
N SER A 57 6.53 -16.71 -4.55
CA SER A 57 6.07 -18.10 -4.41
C SER A 57 4.55 -18.14 -4.27
N SER B 5 -20.91 0.31 3.15
N SER B 5 -22.97 3.62 1.18
CA SER B 5 -19.67 0.96 3.63
CA SER B 5 -22.88 4.63 2.21
C SER B 5 -19.89 2.45 3.90
C SER B 5 -21.42 4.91 2.57
N GLU B 6 -19.32 3.28 3.04
N GLU B 6 -21.00 6.16 2.43
CA GLU B 6 -19.42 4.75 3.18
CA GLU B 6 -19.61 6.53 2.65
C GLU B 6 -19.00 5.27 4.55
C GLU B 6 -19.28 6.69 4.13
N PHE B 7 -18.07 6.23 4.55
N PHE B 7 -18.03 6.39 4.49
CA PHE B 7 -17.52 6.75 5.80
C PHE B 7 -17.41 8.26 5.83
N GLN B 8 -17.50 8.83 7.03
CA GLN B 8 -17.52 10.28 7.19
C GLN B 8 -16.22 10.82 7.78
N ILE B 9 -15.98 12.12 7.58
CA ILE B 9 -14.83 12.79 8.18
C ILE B 9 -14.75 12.52 9.68
N ASN B 10 -13.52 12.40 10.19
CA ASN B 10 -13.28 12.13 11.61
C ASN B 10 -13.64 10.70 12.02
N GLU B 11 -14.25 9.95 11.12
CA GLU B 11 -14.58 8.56 11.40
C GLU B 11 -13.36 7.65 11.24
N GLN B 12 -13.28 6.63 12.08
CA GLN B 12 -12.17 5.68 12.03
C GLN B 12 -12.48 4.52 11.10
N VAL B 13 -11.52 4.15 10.28
CA VAL B 13 -11.65 2.99 9.41
C VAL B 13 -10.37 2.17 9.44
N LEU B 14 -10.39 1.01 8.81
CA LEU B 14 -9.20 0.22 8.64
C LEU B 14 -8.61 0.53 7.26
N ALA B 15 -7.35 0.92 7.23
CA ALA B 15 -6.69 1.25 5.97
C ALA B 15 -5.45 0.39 5.78
N CYS B 16 -5.15 0.07 4.53
CA CYS B 16 -3.99 -0.77 4.23
C CYS B 16 -2.71 0.04 4.22
N TRP B 17 -1.67 -0.48 4.86
CA TRP B 17 -0.38 0.18 4.84
C TRP B 17 0.66 -0.65 4.07
N SER B 18 1.88 -0.13 4.00
CA SER B 18 2.92 -0.69 3.13
C SER B 18 3.30 -2.13 3.47
N ASP B 19 3.07 -2.54 4.71
CA ASP B 19 3.39 -3.91 5.12
C ASP B 19 2.26 -4.87 4.78
N CYS B 20 1.32 -4.40 3.96
CA CYS B 20 0.16 -5.19 3.57
C CYS B 20 -0.64 -5.67 4.79
N ARG B 21 -0.73 -4.80 5.79
CA ARG B 21 -1.60 -5.04 6.94
C ARG B 21 -2.55 -3.86 7.11
N PHE B 22 -3.70 -4.09 7.73
CA PHE B 22 -4.66 -3.03 7.98
C PHE B 22 -4.45 -2.39 9.35
N TYR B 23 -4.57 -1.07 9.40
CA TYR B 23 -4.45 -0.34 10.66
C TYR B 23 -5.55 0.71 10.73
N PRO B 24 -5.96 1.06 11.96
CA PRO B 24 -6.96 2.11 12.15
C PRO B 24 -6.45 3.43 11.60
N ALA B 25 -7.29 4.14 10.86
CA ALA B 25 -6.94 5.44 10.32
C ALA B 25 -8.15 6.35 10.37
N LYS B 26 -7.92 7.64 10.57
CA LYS B 26 -9.02 8.59 10.66
C LYS B 26 -9.27 9.29 9.33
N VAL B 27 -10.51 9.28 8.87
CA VAL B 27 -10.86 9.97 7.64
C VAL B 27 -10.75 11.48 7.86
N THR B 28 -9.80 12.10 7.18
CA THR B 28 -9.61 13.55 7.31
C THR B 28 -10.33 14.28 6.19
N ALA B 29 -10.58 13.58 5.09
CA ALA B 29 -11.27 14.18 3.96
C ALA B 29 -11.96 13.13 3.09
N VAL B 30 -13.17 13.46 2.66
CA VAL B 30 -13.89 12.65 1.69
C VAL B 30 -13.86 13.39 0.36
N ASN B 31 -13.35 12.74 -0.67
CA ASN B 31 -13.16 13.38 -1.96
C ASN B 31 -14.22 12.99 -2.98
N LYS B 32 -14.52 13.90 -3.90
CA LYS B 32 -15.56 13.67 -4.90
C LYS B 32 -15.16 12.57 -5.89
N ASP B 33 -13.87 12.31 -5.99
CA ASP B 33 -13.38 11.31 -6.95
C ASP B 33 -13.47 9.90 -6.39
N GLY B 34 -14.12 9.75 -5.24
CA GLY B 34 -14.35 8.44 -4.66
C GLY B 34 -13.22 7.93 -3.78
N THR B 35 -12.32 8.83 -3.39
CA THR B 35 -11.24 8.46 -2.49
C THR B 35 -11.39 9.10 -1.11
N TYR B 36 -10.56 8.63 -0.18
CA TYR B 36 -10.48 9.20 1.15
C TYR B 36 -9.07 9.65 1.43
N THR B 37 -8.94 10.71 2.20
CA THR B 37 -7.66 11.02 2.83
C THR B 37 -7.74 10.51 4.26
N VAL B 38 -6.85 9.59 4.62
CA VAL B 38 -6.83 9.02 5.96
C VAL B 38 -5.51 9.26 6.68
N LYS B 39 -5.56 9.31 8.02
CA LYS B 39 -4.38 9.52 8.83
C LYS B 39 -4.22 8.41 9.87
N PHE B 40 -3.10 7.68 9.80
CA PHE B 40 -2.82 6.65 10.79
C PHE B 40 -2.44 7.29 12.13
N TYR B 41 -2.40 6.48 13.17
CA TYR B 41 -2.05 6.95 14.51
C TYR B 41 -0.77 7.77 14.54
N ASP B 42 0.22 7.34 13.76
CA ASP B 42 1.54 7.98 13.80
C ASP B 42 1.62 9.25 12.97
N GLY B 43 0.48 9.67 12.42
CA GLY B 43 0.42 10.91 11.66
C GLY B 43 0.63 10.72 10.17
N VAL B 44 0.91 9.49 9.76
CA VAL B 44 1.12 9.19 8.33
C VAL B 44 -0.19 9.31 7.56
N VAL B 45 -0.16 10.10 6.50
CA VAL B 45 -1.35 10.39 5.71
C VAL B 45 -1.25 9.69 4.35
N GLN B 46 -2.36 9.17 3.88
CA GLN B 46 -2.43 8.64 2.52
C GLN B 46 -3.83 8.76 1.93
N THR B 47 -3.90 8.81 0.60
CA THR B 47 -5.16 8.87 -0.11
C THR B 47 -5.45 7.49 -0.66
N VAL B 48 -6.66 7.00 -0.41
CA VAL B 48 -7.02 5.65 -0.83
C VAL B 48 -8.43 5.60 -1.40
N LYS B 49 -8.68 4.64 -2.28
CA LYS B 49 -10.02 4.43 -2.83
C LYS B 49 -10.94 3.89 -1.75
N HIS B 50 -12.22 4.25 -1.84
CA HIS B 50 -13.21 3.80 -0.87
C HIS B 50 -13.18 2.28 -0.72
N ILE B 51 -13.07 1.58 -1.83
CA ILE B 51 -13.12 0.12 -1.83
C ILE B 51 -11.89 -0.52 -1.18
N HIS B 52 -10.88 0.29 -0.88
CA HIS B 52 -9.66 -0.21 -0.27
C HIS B 52 -9.62 0.00 1.24
N VAL B 53 -10.72 0.48 1.80
CA VAL B 53 -10.82 0.59 3.24
C VAL B 53 -12.06 -0.18 3.71
N LYS B 54 -12.12 -0.44 5.01
CA LYS B 54 -13.26 -1.17 5.54
C LYS B 54 -13.58 -0.75 6.97
N ALA B 55 -14.75 -1.16 7.44
CA ALA B 55 -15.21 -0.83 8.78
C ALA B 55 -14.19 -1.20 9.86
N PHE B 56 -14.26 -0.51 10.99
CA PHE B 56 -13.36 -0.78 12.11
C PHE B 56 -14.13 -0.77 13.43
N SER B 57 -13.92 -1.81 14.23
CA SER B 57 -14.64 -1.93 15.50
C SER B 57 -13.71 -2.42 16.62
#